data_5JI0
#
_entry.id   5JI0
#
_cell.length_a   53.880
_cell.length_b   66.527
_cell.length_c   165.927
_cell.angle_alpha   90.00
_cell.angle_beta   90.00
_cell.angle_gamma   90.00
#
_symmetry.space_group_name_H-M   'P 21 21 21'
#
loop_
_entity.id
_entity.type
_entity.pdbx_description
1 polymer 'Retinoic acid receptor RXR-alpha'
2 polymer 'Peroxisome proliferator-activated receptor gamma'
3 polymer 'Nuclear receptor coactivator 1'
4 non-polymer '(9cis)-retinoic acid'
5 non-polymer '2,4-THIAZOLIDIINEDIONE, 5-[[4-[2-(METHYL-2-PYRIDINYLAMINO)ETHOXY]PHENYL]METHYL]-(9CL)'
6 water water
#
loop_
_entity_poly.entity_id
_entity_poly.type
_entity_poly.pdbx_seq_one_letter_code
_entity_poly.pdbx_strand_id
1 'polypeptide(L)'
;GMTSSANEDMPVERILEAELAVEPKTETYVEANMGLNPSSPNDPVTNICQAADKQLFTLVEWAKRIPHFSELPLDDQVIL
LRAGWNELLIASFSHRSIAVKDGILLATGLHVHRNSAHSAGVGAIFDRVLTELVSKMRDMQMDKTELGCLRAIVLFNPDS
KGLSNPAEVEALREKVYASLEAYCKHKYPEQPGRFAKLLLRLPALRFIGLKCLEHLFFFKLIGDTPIDTFLMEMLEAPHQ
MT
;
A
2 'polypeptide(L)'
;GPESADLRALAKHLYDSYIKSFPLTKAKARAILTGKTTDKSPFVIYDMNSLMMGEDKIKFKHITPLQEQSKEVAIRIFQG
CQFRSVEAVQEITEYAKSIPGFVNLDLNDQVTLLKYGVHEIIYTMLASLMNKDGVLISEGQGFMTREFLKSLRKPFGDFM
EPKFEFAVKFNALELDDSDLAIFIAVIILSGDRPGLLNVKPIEDIQDNLLQALELQLKLNHPESSQLFAKLLQKMTDLRQ
IVTEHVQLLQVIKKTETDMSLHPLLQEIYKDLY
;
D
3 'polypeptide(L)' (ACE)CPSSHSSLTERHKILHRLLQEGSPS(NH2) E,F
#
loop_
_chem_comp.id
_chem_comp.type
_chem_comp.name
_chem_comp.formula
9CR non-polymer '(9cis)-retinoic acid' 'C20 H28 O2'
ACE non-polymer 'ACETYL GROUP' 'C2 H4 O'
BRL non-polymer '2,4-THIAZOLIDIINEDIONE, 5-[[4-[2-(METHYL-2-PYRIDINYLAMINO)ETHOXY]PHENYL]METHYL]-(9CL)' 'C18 H19 N3 O3 S'
NH2 non-polymer 'AMINO GROUP' 'H2 N'
#
# COMPACT_ATOMS: atom_id res chain seq x y z
N ASN A 7 12.37 15.58 -17.14
CA ASN A 7 12.53 16.53 -18.30
C ASN A 7 12.21 15.76 -19.56
N GLU A 8 10.94 15.35 -19.67
CA GLU A 8 10.31 14.90 -20.96
C GLU A 8 11.16 14.06 -21.97
N ASP A 9 11.72 12.99 -21.39
CA ASP A 9 11.95 11.71 -22.01
C ASP A 9 10.66 10.89 -21.89
N MET A 10 9.54 11.58 -21.65
CA MET A 10 8.26 10.97 -21.42
C MET A 10 7.26 12.13 -21.45
N PRO A 11 6.92 12.62 -22.67
CA PRO A 11 6.12 13.85 -22.66
C PRO A 11 4.67 13.69 -22.17
N VAL A 12 4.26 14.58 -21.28
CA VAL A 12 2.86 14.62 -20.80
C VAL A 12 1.84 14.94 -21.90
N GLU A 13 2.29 15.59 -22.99
CA GLU A 13 1.41 15.85 -24.15
C GLU A 13 0.98 14.57 -24.84
N ARG A 14 1.87 13.59 -24.90
CA ARG A 14 1.60 12.29 -25.53
C ARG A 14 0.69 11.48 -24.67
N ILE A 15 0.99 11.46 -23.36
CA ILE A 15 0.14 10.72 -22.44
C ILE A 15 -1.30 11.22 -22.53
N LEU A 16 -1.47 12.54 -22.57
CA LEU A 16 -2.80 13.13 -22.66
C LEU A 16 -3.45 12.70 -23.98
N GLU A 17 -2.67 12.70 -25.06
CA GLU A 17 -3.13 12.14 -26.35
C GLU A 17 -3.64 10.73 -26.15
N ALA A 18 -2.83 9.88 -25.53
CA ALA A 18 -3.22 8.48 -25.40
C ALA A 18 -4.54 8.33 -24.65
N GLU A 19 -4.75 9.17 -23.66
CA GLU A 19 -6.02 9.20 -22.95
C GLU A 19 -7.20 9.68 -23.82
N LEU A 20 -6.98 10.77 -24.57
CA LEU A 20 -8.05 11.38 -25.37
C LEU A 20 -8.48 10.48 -26.54
N ALA A 21 -7.60 9.56 -26.95
CA ALA A 21 -7.99 8.54 -27.89
C ALA A 21 -9.13 7.60 -27.42
N VAL A 22 -9.77 7.80 -26.24
CA VAL A 22 -11.04 7.07 -25.95
C VAL A 22 -12.25 7.79 -25.27
N GLU A 23 -13.41 7.70 -25.95
CA GLU A 23 -14.82 7.71 -25.39
C GLU A 23 -15.80 8.89 -25.72
N PRO A 24 -16.49 8.87 -26.90
CA PRO A 24 -17.16 10.10 -27.34
C PRO A 24 -18.68 10.29 -27.00
N LYS A 25 -19.19 11.44 -27.45
CA LYS A 25 -20.45 12.05 -27.01
C LYS A 25 -21.66 11.24 -27.40
N THR A 26 -21.58 10.62 -28.59
CA THR A 26 -22.62 9.71 -29.17
C THR A 26 -23.18 8.65 -28.18
N GLU A 27 -22.34 8.12 -27.27
CA GLU A 27 -22.80 7.30 -26.11
C GLU A 27 -23.50 8.31 -25.21
N THR A 28 -24.71 8.66 -25.65
CA THR A 28 -25.70 9.42 -24.92
C THR A 28 -26.25 8.21 -24.15
N TYR A 29 -27.16 7.50 -24.79
CA TYR A 29 -27.57 6.18 -24.41
C TYR A 29 -28.10 5.51 -25.66
N VAL A 30 -28.57 4.30 -25.42
CA VAL A 30 -29.22 3.43 -26.37
C VAL A 30 -30.63 3.06 -25.77
N GLU A 31 -31.23 4.08 -25.12
CA GLU A 31 -32.60 4.10 -24.55
C GLU A 31 -33.09 2.81 -23.87
N ASN A 42 -31.92 -4.65 -13.72
CA ASN A 42 -30.58 -4.62 -14.32
C ASN A 42 -29.64 -5.70 -13.81
N ASP A 43 -28.60 -5.93 -14.60
CA ASP A 43 -27.52 -6.83 -14.24
C ASP A 43 -26.19 -6.05 -14.33
N PRO A 44 -25.87 -5.30 -13.26
CA PRO A 44 -24.62 -4.51 -13.19
C PRO A 44 -23.34 -5.28 -13.54
N VAL A 45 -23.22 -6.52 -13.07
CA VAL A 45 -21.99 -7.27 -13.26
C VAL A 45 -21.73 -7.54 -14.73
N THR A 46 -22.78 -8.00 -15.44
CA THR A 46 -22.65 -8.24 -16.89
C THR A 46 -22.45 -6.92 -17.60
N ASN A 47 -23.17 -5.87 -17.20
CA ASN A 47 -22.90 -4.53 -17.78
C ASN A 47 -21.43 -4.05 -17.58
N ILE A 48 -20.95 -4.20 -16.34
CA ILE A 48 -19.59 -3.82 -16.02
C ILE A 48 -18.65 -4.71 -16.79
N CYS A 49 -18.88 -6.02 -16.72
CA CYS A 49 -18.03 -6.95 -17.47
C CYS A 49 -17.97 -6.67 -18.98
N GLN A 50 -19.11 -6.23 -19.53
CA GLN A 50 -19.22 -5.94 -20.99
C GLN A 50 -18.43 -4.67 -21.32
N ALA A 51 -18.58 -3.64 -20.49
CA ALA A 51 -17.69 -2.44 -20.58
C ALA A 51 -16.19 -2.79 -20.50
N ALA A 52 -15.85 -3.71 -19.60
CA ALA A 52 -14.44 -4.13 -19.40
C ALA A 52 -13.82 -4.72 -20.64
N ASP A 53 -14.52 -5.70 -21.20
CA ASP A 53 -14.09 -6.35 -22.42
C ASP A 53 -13.89 -5.32 -23.55
N LYS A 54 -14.88 -4.45 -23.72
CA LYS A 54 -14.80 -3.38 -24.71
C LYS A 54 -13.56 -2.54 -24.52
N GLN A 55 -13.40 -2.03 -23.27
CA GLN A 55 -12.25 -1.20 -22.95
C GLN A 55 -10.93 -1.94 -22.97
N LEU A 56 -10.91 -3.27 -22.78
CA LEU A 56 -9.65 -4.02 -22.94
C LEU A 56 -9.00 -3.86 -24.31
N PHE A 57 -9.85 -3.81 -25.35
CA PHE A 57 -9.37 -3.62 -26.72
C PHE A 57 -8.75 -2.23 -26.88
N THR A 58 -9.43 -1.20 -26.40
CA THR A 58 -8.88 0.18 -26.44
C THR A 58 -7.65 0.35 -25.52
N LEU A 59 -7.51 -0.52 -24.51
CA LEU A 59 -6.32 -0.46 -23.61
C LEU A 59 -4.99 -0.75 -24.32
N VAL A 60 -4.98 -1.75 -25.19
CA VAL A 60 -3.80 -2.00 -26.02
C VAL A 60 -3.49 -0.76 -26.86
N GLU A 61 -4.54 -0.12 -27.35
CA GLU A 61 -4.42 1.12 -28.16
C GLU A 61 -3.83 2.27 -27.35
N TRP A 62 -4.36 2.41 -26.14
CA TRP A 62 -3.79 3.36 -25.15
C TRP A 62 -2.30 3.10 -24.93
N ALA A 63 -1.96 1.86 -24.61
CA ALA A 63 -0.58 1.49 -24.26
C ALA A 63 0.46 1.75 -25.35
N LYS A 64 0.07 1.39 -26.58
CA LYS A 64 0.85 1.67 -27.78
C LYS A 64 1.24 3.14 -27.87
N ARG A 65 0.30 4.01 -27.51
CA ARG A 65 0.52 5.48 -27.52
C ARG A 65 1.27 6.05 -26.30
N ILE A 66 1.51 5.23 -25.27
CA ILE A 66 2.34 5.70 -24.15
C ILE A 66 3.82 5.61 -24.55
N PRO A 67 4.55 6.76 -24.49
CA PRO A 67 5.94 6.77 -24.91
C PRO A 67 6.79 5.61 -24.42
N HIS A 68 7.48 4.98 -25.38
CA HIS A 68 8.45 3.89 -25.19
C HIS A 68 7.85 2.55 -24.79
N PHE A 69 6.55 2.48 -24.56
CA PHE A 69 5.95 1.17 -24.28
C PHE A 69 6.21 0.16 -25.40
N SER A 70 5.90 0.58 -26.64
CA SER A 70 6.11 -0.23 -27.86
C SER A 70 7.55 -0.61 -28.08
N GLU A 71 8.47 0.30 -27.74
CA GLU A 71 9.92 0.01 -27.79
C GLU A 71 10.43 -1.11 -26.87
N LEU A 72 9.54 -1.75 -26.11
CA LEU A 72 9.89 -2.80 -25.13
C LEU A 72 9.78 -4.21 -25.76
N PRO A 73 10.54 -5.21 -25.26
CA PRO A 73 10.29 -6.58 -25.70
C PRO A 73 8.82 -6.92 -25.69
N LEU A 74 8.37 -7.66 -26.70
CA LEU A 74 6.96 -7.93 -26.88
C LEU A 74 6.38 -8.73 -25.73
N ASP A 75 7.12 -9.74 -25.27
CA ASP A 75 6.61 -10.57 -24.17
C ASP A 75 6.45 -9.70 -22.93
N ASP A 76 7.35 -8.74 -22.77
CA ASP A 76 7.24 -7.78 -21.70
C ASP A 76 5.96 -6.98 -21.85
N GLN A 77 5.71 -6.44 -23.03
CA GLN A 77 4.50 -5.67 -23.26
C GLN A 77 3.30 -6.48 -22.81
N VAL A 78 3.32 -7.78 -23.11
CA VAL A 78 2.23 -8.68 -22.80
C VAL A 78 2.04 -8.76 -21.27
N ILE A 79 3.13 -9.03 -20.55
CA ILE A 79 2.99 -9.17 -19.09
C ILE A 79 2.58 -7.87 -18.36
N LEU A 80 3.09 -6.73 -18.79
CA LEU A 80 2.75 -5.45 -18.17
C LEU A 80 1.26 -5.23 -18.24
N LEU A 81 0.69 -5.40 -19.44
CA LEU A 81 -0.75 -5.32 -19.64
C LEU A 81 -1.53 -6.42 -18.95
N ARG A 82 -0.94 -7.61 -18.85
CA ARG A 82 -1.55 -8.72 -18.10
C ARG A 82 -1.63 -8.38 -16.62
N ALA A 83 -0.54 -7.81 -16.12
CA ALA A 83 -0.47 -7.50 -14.70
C ALA A 83 -1.37 -6.29 -14.32
N GLY A 84 -1.38 -5.22 -15.12
CA GLY A 84 -2.08 -3.98 -14.75
C GLY A 84 -3.41 -3.58 -15.35
N TRP A 85 -3.97 -4.39 -16.26
CA TRP A 85 -5.24 -4.00 -16.96
C TRP A 85 -6.35 -3.66 -15.96
N ASN A 86 -6.34 -4.49 -14.92
CA ASN A 86 -7.26 -4.49 -13.84
C ASN A 86 -7.38 -3.09 -13.19
N GLU A 87 -6.24 -2.64 -12.68
CA GLU A 87 -6.09 -1.27 -12.14
C GLU A 87 -6.20 -0.16 -13.23
N LEU A 88 -5.63 -0.42 -14.38
CA LEU A 88 -5.70 0.53 -15.51
C LEU A 88 -7.12 0.87 -15.90
N LEU A 89 -7.97 -0.15 -15.97
CA LEU A 89 -9.41 0.12 -16.24
C LEU A 89 -10.19 0.78 -15.12
N ILE A 90 -9.91 0.34 -13.89
CA ILE A 90 -10.60 0.92 -12.73
C ILE A 90 -10.26 2.40 -12.61
N ALA A 91 -9.01 2.70 -12.87
CA ALA A 91 -8.53 4.10 -12.83
C ALA A 91 -9.37 4.97 -13.80
N SER A 92 -9.50 4.46 -15.02
CA SER A 92 -10.24 5.17 -16.09
C SER A 92 -11.70 5.36 -15.80
N PHE A 93 -12.41 4.31 -15.44
CA PHE A 93 -13.84 4.56 -15.20
C PHE A 93 -14.10 5.41 -13.96
N SER A 94 -13.25 5.25 -12.95
CA SER A 94 -13.38 6.09 -11.76
C SER A 94 -13.24 7.58 -12.05
N HIS A 95 -12.22 7.95 -12.83
CA HIS A 95 -12.03 9.34 -13.16
C HIS A 95 -13.17 9.87 -14.05
N ARG A 96 -13.73 8.99 -14.88
CA ARG A 96 -14.88 9.36 -15.73
C ARG A 96 -16.09 9.66 -14.87
N SER A 97 -16.16 9.12 -13.63
CA SER A 97 -17.38 9.21 -12.83
C SER A 97 -17.41 10.37 -11.82
N ILE A 98 -16.48 11.30 -11.99
CA ILE A 98 -16.28 12.41 -11.06
C ILE A 98 -17.49 13.27 -10.79
N ALA A 99 -18.36 13.41 -11.79
CA ALA A 99 -19.55 14.26 -11.68
C ALA A 99 -20.77 13.46 -11.35
N VAL A 100 -20.71 12.12 -11.41
CA VAL A 100 -21.93 11.33 -11.17
C VAL A 100 -22.22 11.19 -9.66
N LYS A 101 -23.49 11.02 -9.37
CA LYS A 101 -24.01 10.98 -8.04
C LYS A 101 -24.16 9.49 -7.68
N ASP A 102 -23.40 9.02 -6.69
CA ASP A 102 -23.56 7.63 -6.18
C ASP A 102 -23.45 6.55 -7.27
N GLY A 103 -22.57 6.78 -8.22
CA GLY A 103 -22.41 5.73 -9.22
C GLY A 103 -21.19 5.92 -10.06
N ILE A 104 -21.11 5.03 -11.03
CA ILE A 104 -20.06 5.09 -11.98
C ILE A 104 -20.73 5.17 -13.36
N LEU A 105 -19.94 5.59 -14.33
CA LEU A 105 -20.36 5.71 -15.71
C LEU A 105 -19.49 4.78 -16.52
N LEU A 106 -20.11 3.75 -17.12
CA LEU A 106 -19.35 2.80 -17.96
C LEU A 106 -19.01 3.39 -19.35
N ALA A 107 -18.05 2.77 -20.02
CA ALA A 107 -17.62 3.18 -21.34
C ALA A 107 -18.66 2.83 -22.44
N THR A 108 -19.65 2.02 -22.09
CA THR A 108 -20.77 1.73 -22.98
C THR A 108 -21.93 2.76 -22.81
N GLY A 109 -21.75 3.81 -22.00
CA GLY A 109 -22.76 4.85 -21.76
C GLY A 109 -23.73 4.62 -20.61
N LEU A 110 -23.72 3.41 -20.04
CA LEU A 110 -24.62 3.05 -18.94
C LEU A 110 -24.06 3.56 -17.63
N HIS A 111 -24.98 3.98 -16.77
CA HIS A 111 -24.71 4.14 -15.35
C HIS A 111 -24.89 2.83 -14.60
N VAL A 112 -24.10 2.67 -13.55
CA VAL A 112 -24.40 1.70 -12.52
C VAL A 112 -24.56 2.51 -11.26
N HIS A 113 -25.74 2.43 -10.66
CA HIS A 113 -26.02 3.10 -9.40
C HIS A 113 -25.69 2.08 -8.30
N ARG A 114 -25.38 2.62 -7.12
CA ARG A 114 -24.98 1.79 -5.98
C ARG A 114 -26.01 0.74 -5.52
N ASN A 115 -27.29 1.06 -5.60
CA ASN A 115 -28.35 0.16 -5.12
C ASN A 115 -28.38 -1.12 -5.95
N SER A 116 -28.23 -1.02 -7.26
CA SER A 116 -28.08 -2.23 -8.08
C SER A 116 -26.75 -2.99 -7.79
N ALA A 117 -25.68 -2.25 -7.45
CA ALA A 117 -24.40 -2.84 -6.96
C ALA A 117 -24.56 -3.60 -5.63
N HIS A 118 -25.37 -3.06 -4.72
CA HIS A 118 -25.77 -3.77 -3.53
C HIS A 118 -26.69 -4.94 -3.92
N SER A 119 -27.76 -4.66 -4.64
CA SER A 119 -28.64 -5.73 -5.17
C SER A 119 -27.86 -6.92 -5.77
N ALA A 120 -26.73 -6.66 -6.44
CA ALA A 120 -25.91 -7.74 -7.03
C ALA A 120 -24.84 -8.37 -6.12
N GLY A 121 -24.83 -8.02 -4.84
CA GLY A 121 -23.87 -8.60 -3.88
C GLY A 121 -22.45 -8.02 -3.95
N VAL A 122 -22.28 -6.91 -4.68
CA VAL A 122 -20.97 -6.23 -4.82
C VAL A 122 -20.94 -4.81 -4.24
N GLY A 123 -21.95 -4.48 -3.42
CA GLY A 123 -22.02 -3.20 -2.71
C GLY A 123 -20.74 -2.71 -2.01
N ALA A 124 -20.03 -3.61 -1.33
CA ALA A 124 -18.94 -3.24 -0.44
C ALA A 124 -17.72 -2.64 -1.18
N ILE A 125 -17.26 -3.38 -2.17
CA ILE A 125 -16.20 -2.92 -3.08
C ILE A 125 -16.64 -1.68 -3.89
N PHE A 126 -17.90 -1.68 -4.28
CA PHE A 126 -18.45 -0.60 -5.10
C PHE A 126 -18.41 0.72 -4.36
N ASP A 127 -18.83 0.70 -3.10
CA ASP A 127 -18.74 1.87 -2.22
C ASP A 127 -17.29 2.33 -1.95
N ARG A 128 -16.37 1.37 -1.88
CA ARG A 128 -14.96 1.72 -1.80
C ARG A 128 -14.52 2.49 -3.06
N VAL A 129 -14.92 2.04 -4.25
CA VAL A 129 -14.62 2.77 -5.49
C VAL A 129 -15.08 4.21 -5.37
N LEU A 130 -16.31 4.37 -4.86
CA LEU A 130 -16.89 5.70 -4.77
C LEU A 130 -16.15 6.58 -3.79
N THR A 131 -15.83 6.06 -2.61
CA THR A 131 -15.14 6.85 -1.54
C THR A 131 -13.61 6.98 -1.71
N GLU A 132 -12.92 5.89 -2.04
CA GLU A 132 -11.46 5.91 -2.11
C GLU A 132 -10.88 6.29 -3.48
N LEU A 133 -11.70 6.25 -4.53
CA LEU A 133 -11.20 6.65 -5.85
C LEU A 133 -11.96 7.87 -6.41
N VAL A 134 -13.22 7.70 -6.78
CA VAL A 134 -13.99 8.76 -7.46
C VAL A 134 -14.02 9.99 -6.62
N SER A 135 -14.45 9.86 -5.40
CA SER A 135 -14.61 11.04 -4.52
C SER A 135 -13.28 11.79 -4.31
N LYS A 136 -12.18 11.04 -4.21
CA LYS A 136 -10.87 11.64 -4.07
C LYS A 136 -10.40 12.36 -5.34
N MET A 137 -10.59 11.73 -6.48
CA MET A 137 -10.30 12.39 -7.79
C MET A 137 -11.14 13.66 -7.98
N ARG A 138 -12.40 13.59 -7.61
CA ARG A 138 -13.27 14.78 -7.69
C ARG A 138 -12.73 15.87 -6.80
N ASP A 139 -12.49 15.58 -5.51
CA ASP A 139 -12.13 16.67 -4.57
C ASP A 139 -10.82 17.38 -4.90
N MET A 140 -9.87 16.67 -5.49
CA MET A 140 -8.64 17.32 -5.93
C MET A 140 -8.70 17.85 -7.38
N GLN A 141 -9.82 17.63 -8.09
CA GLN A 141 -9.95 17.95 -9.53
C GLN A 141 -8.80 17.33 -10.35
N MET A 142 -8.59 16.05 -10.13
CA MET A 142 -7.52 15.41 -10.88
C MET A 142 -7.80 15.64 -12.37
N ASP A 143 -6.78 16.04 -13.11
CA ASP A 143 -6.99 16.27 -14.55
C ASP A 143 -6.56 15.06 -15.35
N LYS A 144 -6.87 15.07 -16.65
CA LYS A 144 -6.70 13.89 -17.50
C LYS A 144 -5.26 13.61 -17.75
N THR A 145 -4.45 14.66 -17.74
CA THR A 145 -3.02 14.48 -17.91
C THR A 145 -2.46 13.71 -16.66
N GLU A 146 -2.88 14.19 -15.51
CA GLU A 146 -2.55 13.55 -14.20
C GLU A 146 -3.02 12.10 -14.20
N LEU A 147 -4.29 11.88 -14.59
CA LEU A 147 -4.83 10.52 -14.65
C LEU A 147 -3.99 9.69 -15.59
N GLY A 148 -3.70 10.21 -16.78
CA GLY A 148 -2.86 9.44 -17.70
C GLY A 148 -1.49 9.11 -17.16
N CYS A 149 -0.83 10.05 -16.49
CA CYS A 149 0.47 9.72 -15.89
C CYS A 149 0.37 8.60 -14.83
N LEU A 150 -0.67 8.65 -14.00
CA LEU A 150 -0.82 7.64 -12.94
C LEU A 150 -1.00 6.27 -13.59
N ARG A 151 -1.81 6.23 -14.65
CA ARG A 151 -2.02 4.95 -15.37
C ARG A 151 -0.72 4.44 -15.99
N ALA A 152 0.08 5.36 -16.52
CA ALA A 152 1.37 4.98 -17.04
C ALA A 152 2.29 4.44 -15.93
N ILE A 153 2.23 5.05 -14.76
CA ILE A 153 2.98 4.53 -13.61
C ILE A 153 2.52 3.11 -13.30
N VAL A 154 1.19 2.89 -13.23
CA VAL A 154 0.66 1.53 -12.98
C VAL A 154 1.12 0.56 -14.10
N LEU A 155 1.10 1.04 -15.34
CA LEU A 155 1.54 0.24 -16.48
C LEU A 155 2.96 -0.24 -16.30
N PHE A 156 3.86 0.70 -16.07
CA PHE A 156 5.30 0.37 -15.99
C PHE A 156 5.69 -0.20 -14.60
N ASN A 157 5.13 -1.36 -14.25
CA ASN A 157 5.41 -2.01 -12.97
C ASN A 157 6.52 -3.07 -13.09
N PRO A 158 7.70 -2.75 -12.59
CA PRO A 158 8.82 -3.62 -12.85
C PRO A 158 8.89 -4.86 -11.95
N ASP A 159 7.96 -5.06 -11.02
CA ASP A 159 7.99 -6.27 -10.18
C ASP A 159 7.18 -7.43 -10.79
N SER A 160 6.45 -7.16 -11.86
CA SER A 160 5.69 -8.18 -12.60
C SER A 160 6.62 -9.34 -12.99
N LYS A 161 6.23 -10.57 -12.68
CA LYS A 161 7.12 -11.74 -12.97
C LYS A 161 7.22 -12.04 -14.46
N GLY A 162 8.39 -12.48 -14.90
CA GLY A 162 8.63 -12.79 -16.31
C GLY A 162 9.31 -11.70 -17.12
N LEU A 163 9.48 -10.52 -16.54
CA LEU A 163 10.11 -9.41 -17.28
C LEU A 163 11.56 -9.77 -17.63
N SER A 164 11.91 -9.56 -18.90
CA SER A 164 13.28 -9.70 -19.35
C SER A 164 14.16 -8.63 -18.68
N ASN A 165 13.75 -7.36 -18.85
CA ASN A 165 14.51 -6.24 -18.30
C ASN A 165 13.68 -5.35 -17.36
N PRO A 166 13.62 -5.73 -16.06
CA PRO A 166 12.87 -4.90 -15.10
C PRO A 166 13.46 -3.49 -14.86
N ALA A 167 14.79 -3.37 -14.92
CA ALA A 167 15.43 -2.07 -14.74
C ALA A 167 15.10 -1.07 -15.83
N GLU A 168 14.81 -1.57 -17.03
CA GLU A 168 14.26 -0.71 -18.08
C GLU A 168 12.80 -0.29 -17.80
N VAL A 169 12.01 -1.20 -17.21
CA VAL A 169 10.64 -0.89 -16.80
C VAL A 169 10.65 0.11 -15.63
N GLU A 170 11.48 -0.14 -14.61
CA GLU A 170 11.76 0.84 -13.55
C GLU A 170 12.20 2.23 -14.05
N ALA A 171 13.11 2.24 -15.03
CA ALA A 171 13.51 3.48 -15.67
C ALA A 171 12.36 4.24 -16.30
N LEU A 172 11.51 3.54 -17.02
CA LEU A 172 10.35 4.17 -17.64
C LEU A 172 9.43 4.71 -16.52
N ARG A 173 9.22 3.91 -15.47
CA ARG A 173 8.32 4.38 -14.38
C ARG A 173 8.85 5.66 -13.81
N GLU A 174 10.16 5.67 -13.55
CA GLU A 174 10.81 6.85 -12.98
C GLU A 174 10.72 8.08 -13.89
N LYS A 175 10.76 7.87 -15.20
CA LYS A 175 10.51 9.01 -16.13
C LYS A 175 9.07 9.57 -16.02
N VAL A 176 8.08 8.71 -15.78
CA VAL A 176 6.73 9.24 -15.56
C VAL A 176 6.70 10.12 -14.28
N TYR A 177 7.39 9.64 -13.25
CA TYR A 177 7.45 10.36 -11.95
C TYR A 177 7.99 11.76 -12.17
N ALA A 178 9.14 11.84 -12.83
CA ALA A 178 9.80 13.16 -13.09
C ALA A 178 8.98 14.04 -13.97
N SER A 179 8.31 13.43 -14.96
CA SER A 179 7.56 14.24 -15.88
C SER A 179 6.26 14.69 -15.31
N LEU A 180 5.58 13.81 -14.56
CA LEU A 180 4.37 14.21 -13.84
C LEU A 180 4.72 15.27 -12.80
N GLU A 181 5.84 15.08 -12.13
CA GLU A 181 6.22 16.09 -11.13
C GLU A 181 6.38 17.48 -11.78
N ALA A 182 7.20 17.54 -12.83
CA ALA A 182 7.37 18.79 -13.65
C ALA A 182 6.05 19.37 -14.07
N TYR A 183 5.14 18.53 -14.58
CA TYR A 183 3.82 19.01 -14.95
C TYR A 183 3.03 19.68 -13.81
N CYS A 184 2.95 19.02 -12.64
CA CYS A 184 2.25 19.60 -11.47
C CYS A 184 2.88 20.91 -10.99
N LYS A 185 4.21 20.97 -10.94
CA LYS A 185 4.96 22.22 -10.69
C LYS A 185 4.55 23.40 -11.59
N HIS A 186 4.51 23.15 -12.90
CA HIS A 186 4.24 24.20 -13.91
C HIS A 186 2.77 24.62 -13.90
N LYS A 187 1.88 23.64 -13.98
CA LYS A 187 0.43 23.85 -13.99
C LYS A 187 -0.17 24.29 -12.63
N TYR A 188 0.33 23.78 -11.51
CA TYR A 188 -0.29 24.02 -10.19
C TYR A 188 0.70 24.52 -9.13
N PRO A 189 1.43 25.62 -9.42
CA PRO A 189 2.55 26.08 -8.58
C PRO A 189 2.12 26.49 -7.16
N GLU A 190 0.87 26.90 -7.03
CA GLU A 190 0.27 27.15 -5.73
C GLU A 190 -0.09 25.88 -4.94
N GLN A 191 0.19 24.67 -5.46
CA GLN A 191 -0.14 23.40 -4.78
C GLN A 191 1.10 22.54 -4.76
N PRO A 192 2.04 22.85 -3.88
CA PRO A 192 3.31 22.15 -3.90
C PRO A 192 3.11 20.67 -3.47
N GLY A 193 2.01 20.35 -2.79
CA GLY A 193 1.77 18.93 -2.39
C GLY A 193 1.04 18.12 -3.46
N ARG A 194 0.80 18.69 -4.64
CA ARG A 194 -0.09 18.03 -5.61
C ARG A 194 0.45 16.66 -6.12
N PHE A 195 1.73 16.62 -6.46
CA PHE A 195 2.36 15.42 -6.97
C PHE A 195 2.30 14.24 -5.97
N ALA A 196 2.60 14.50 -4.72
CA ALA A 196 2.42 13.45 -3.67
C ALA A 196 0.97 12.97 -3.53
N LYS A 197 0.01 13.89 -3.63
CA LYS A 197 -1.45 13.60 -3.46
C LYS A 197 -1.92 12.69 -4.59
N LEU A 198 -1.35 12.92 -5.78
CA LEU A 198 -1.57 12.00 -6.91
C LEU A 198 -1.03 10.59 -6.66
N LEU A 199 0.23 10.50 -6.28
CA LEU A 199 0.76 9.19 -5.97
C LEU A 199 0.06 8.46 -4.85
N LEU A 200 -0.46 9.22 -3.89
CA LEU A 200 -1.20 8.61 -2.80
C LEU A 200 -2.59 8.11 -3.15
N ARG A 201 -3.02 8.20 -4.41
CA ARG A 201 -4.26 7.53 -4.90
C ARG A 201 -4.01 6.08 -5.28
N LEU A 202 -2.77 5.74 -5.52
CA LEU A 202 -2.40 4.39 -5.90
C LEU A 202 -2.62 3.27 -4.86
N PRO A 203 -2.42 3.52 -3.52
CA PRO A 203 -2.67 2.38 -2.61
C PRO A 203 -4.12 1.91 -2.63
N ALA A 204 -5.07 2.83 -2.71
CA ALA A 204 -6.48 2.45 -2.77
C ALA A 204 -6.82 1.72 -4.08
N LEU A 205 -6.26 2.18 -5.18
CA LEU A 205 -6.39 1.53 -6.47
C LEU A 205 -5.85 0.09 -6.48
N ARG A 206 -4.67 -0.14 -5.87
CA ARG A 206 -4.17 -1.49 -5.70
C ARG A 206 -5.12 -2.37 -4.87
N PHE A 207 -5.57 -1.88 -3.73
CA PHE A 207 -6.47 -2.67 -2.90
C PHE A 207 -7.76 -3.04 -3.65
N ILE A 208 -8.39 -2.03 -4.21
CA ILE A 208 -9.61 -2.22 -4.99
C ILE A 208 -9.37 -3.17 -6.15
N GLY A 209 -8.28 -2.94 -6.86
CA GLY A 209 -7.90 -3.86 -7.95
C GLY A 209 -7.84 -5.32 -7.52
N LEU A 210 -7.26 -5.58 -6.35
CA LEU A 210 -7.13 -6.96 -5.86
C LEU A 210 -8.50 -7.54 -5.53
N LYS A 211 -9.36 -6.77 -4.85
CA LYS A 211 -10.67 -7.28 -4.47
C LYS A 211 -11.50 -7.56 -5.73
N CYS A 212 -11.37 -6.68 -6.71
CA CYS A 212 -12.08 -6.84 -7.97
C CYS A 212 -11.67 -8.09 -8.74
N LEU A 213 -10.38 -8.36 -8.80
CA LEU A 213 -9.89 -9.59 -9.39
C LEU A 213 -10.44 -10.84 -8.70
N GLU A 214 -10.72 -10.78 -7.40
CA GLU A 214 -11.23 -11.96 -6.70
C GLU A 214 -12.68 -12.18 -7.10
N HIS A 215 -13.48 -11.12 -7.00
CA HIS A 215 -14.85 -11.15 -7.53
C HIS A 215 -14.96 -11.73 -8.98
N LEU A 216 -14.09 -11.31 -9.91
CA LEU A 216 -14.09 -11.88 -11.25
C LEU A 216 -13.63 -13.31 -11.30
N PHE A 217 -12.67 -13.70 -10.47
CA PHE A 217 -12.26 -15.10 -10.38
C PHE A 217 -13.51 -15.91 -10.02
N PHE A 218 -14.29 -15.38 -9.09
CA PHE A 218 -15.55 -15.98 -8.66
C PHE A 218 -16.58 -16.08 -9.80
N PHE A 219 -16.88 -14.94 -10.45
CA PHE A 219 -17.84 -14.91 -11.56
C PHE A 219 -17.42 -15.79 -12.75
N LYS A 220 -16.13 -15.84 -13.03
CA LYS A 220 -15.58 -16.76 -14.03
C LYS A 220 -15.89 -18.19 -13.58
N LEU A 221 -15.55 -18.45 -12.32
CA LEU A 221 -15.71 -19.78 -11.73
C LEU A 221 -17.16 -20.32 -11.80
N ILE A 222 -18.16 -19.49 -11.52
CA ILE A 222 -19.55 -20.00 -11.53
C ILE A 222 -20.22 -19.93 -12.91
N GLY A 223 -19.52 -19.37 -13.90
CA GLY A 223 -20.05 -19.15 -15.24
C GLY A 223 -21.04 -18.01 -15.38
N ASP A 224 -20.79 -16.89 -14.68
CA ASP A 224 -21.68 -15.68 -14.69
C ASP A 224 -21.32 -14.62 -15.75
N THR A 225 -20.45 -14.98 -16.69
CA THR A 225 -19.85 -14.06 -17.65
C THR A 225 -20.71 -13.95 -18.91
N THR A 229 -14.81 -12.27 -23.57
CA THR A 229 -13.86 -13.04 -24.37
C THR A 229 -12.41 -12.60 -24.16
N PHE A 230 -12.11 -11.35 -24.51
CA PHE A 230 -10.79 -10.77 -24.14
C PHE A 230 -10.63 -10.79 -22.62
N LEU A 231 -11.71 -10.39 -21.92
CA LEU A 231 -11.77 -10.50 -20.47
C LEU A 231 -11.47 -11.89 -19.96
N MET A 232 -12.04 -12.90 -20.61
CA MET A 232 -11.82 -14.29 -20.24
C MET A 232 -10.36 -14.64 -20.39
N GLU A 233 -9.77 -14.24 -21.50
CA GLU A 233 -8.35 -14.43 -21.70
C GLU A 233 -7.55 -13.79 -20.54
N MET A 234 -7.86 -12.54 -20.23
CA MET A 234 -7.13 -11.86 -19.18
C MET A 234 -7.20 -12.58 -17.82
N LEU A 235 -8.30 -13.28 -17.55
CA LEU A 235 -8.50 -14.12 -16.37
C LEU A 235 -7.99 -15.55 -16.51
N GLY B 1 12.70 28.24 0.37
CA GLY B 1 11.63 29.17 0.81
C GLY B 1 11.62 29.33 2.32
N PRO B 2 10.77 30.22 2.86
CA PRO B 2 10.69 30.42 4.32
C PRO B 2 9.90 29.30 5.05
N GLU B 3 9.21 28.41 4.32
CA GLU B 3 8.72 27.14 4.92
C GLU B 3 9.88 26.18 5.33
N SER B 4 11.06 26.29 4.72
CA SER B 4 12.15 25.27 4.88
C SER B 4 12.63 25.08 6.34
N ALA B 5 12.86 26.16 7.08
CA ALA B 5 13.37 25.93 8.43
C ALA B 5 12.37 25.20 9.35
N ASP B 6 11.10 25.54 9.24
CA ASP B 6 10.04 24.81 10.05
C ASP B 6 9.96 23.34 9.52
N LEU B 7 10.09 23.09 8.21
CA LEU B 7 10.11 21.70 7.74
C LEU B 7 11.29 20.88 8.25
N ARG B 8 12.43 21.52 8.46
CA ARG B 8 13.59 20.84 9.07
C ARG B 8 13.38 20.67 10.58
N ALA B 9 12.82 21.70 11.22
CA ALA B 9 12.48 21.60 12.67
C ALA B 9 11.49 20.46 12.87
N LEU B 10 10.51 20.35 12.00
CA LEU B 10 9.55 19.20 12.06
C LEU B 10 10.23 17.83 11.88
N ALA B 11 11.08 17.72 10.87
CA ALA B 11 11.91 16.50 10.69
C ALA B 11 12.65 16.10 11.94
N LYS B 12 13.34 17.05 12.53
CA LYS B 12 14.06 16.86 13.73
C LYS B 12 13.19 16.47 14.94
N HIS B 13 12.06 17.15 15.14
CA HIS B 13 11.10 16.71 16.15
C HIS B 13 10.63 15.28 16.02
N LEU B 14 10.32 14.89 14.79
CA LEU B 14 9.90 13.56 14.50
C LEU B 14 10.98 12.53 14.77
N TYR B 15 12.21 12.83 14.33
CA TYR B 15 13.33 11.95 14.63
C TYR B 15 13.56 11.76 16.10
N ASP B 16 13.58 12.87 16.81
CA ASP B 16 13.72 12.79 18.28
C ASP B 16 12.60 11.97 18.93
N SER B 17 11.39 12.13 18.44
CA SER B 17 10.25 11.40 19.04
C SER B 17 10.31 9.88 18.63
N TYR B 18 10.77 9.62 17.41
CA TYR B 18 11.07 8.25 16.95
C TYR B 18 12.06 7.53 17.87
N ILE B 19 13.12 8.24 18.22
CA ILE B 19 14.18 7.68 19.10
C ILE B 19 13.61 7.40 20.50
N LYS B 20 12.71 8.24 20.95
CA LYS B 20 12.03 8.06 22.20
C LYS B 20 11.10 6.83 22.19
N SER B 21 10.38 6.59 21.12
CA SER B 21 9.32 5.57 21.12
C SER B 21 9.79 4.18 20.69
N PHE B 22 10.85 4.08 19.88
CA PHE B 22 11.25 2.82 19.26
C PHE B 22 12.63 2.42 19.73
N PRO B 23 12.69 1.44 20.66
CA PRO B 23 13.95 1.03 21.25
C PRO B 23 15.02 0.57 20.25
N LEU B 24 14.65 -0.22 19.28
CA LEU B 24 15.60 -0.77 18.34
C LEU B 24 15.46 -0.03 17.06
N THR B 25 16.36 0.90 16.85
CA THR B 25 16.41 1.67 15.61
C THR B 25 16.98 0.88 14.47
N LYS B 26 16.77 1.40 13.27
CA LYS B 26 17.43 0.79 12.15
C LYS B 26 18.96 0.85 12.27
N ALA B 27 19.47 1.96 12.81
CA ALA B 27 20.92 2.18 12.92
C ALA B 27 21.48 1.06 13.83
N LYS B 28 20.79 0.81 14.94
CA LYS B 28 21.19 -0.26 15.87
C LYS B 28 21.02 -1.63 15.28
N ALA B 29 19.92 -1.85 14.60
CA ALA B 29 19.70 -3.14 13.96
C ALA B 29 20.82 -3.47 12.94
N ARG B 30 21.21 -2.49 12.13
CA ARG B 30 22.27 -2.70 11.13
C ARG B 30 23.63 -3.00 11.79
N ALA B 31 23.92 -2.32 12.86
CA ALA B 31 25.14 -2.59 13.58
C ALA B 31 25.15 -4.08 14.01
N ILE B 32 24.04 -4.55 14.53
CA ILE B 32 23.89 -5.96 14.93
C ILE B 32 23.95 -6.89 13.75
N LEU B 33 23.20 -6.59 12.71
CA LEU B 33 23.13 -7.48 11.56
C LEU B 33 24.47 -7.63 10.82
N THR B 34 25.31 -6.60 10.85
CA THR B 34 26.59 -6.63 10.13
C THR B 34 27.73 -6.98 11.09
N GLY B 35 27.38 -7.30 12.33
CA GLY B 35 28.30 -7.62 13.44
C GLY B 35 29.05 -6.43 14.17
N LYS B 36 28.77 -5.20 13.78
CA LYS B 36 29.54 -4.04 14.29
C LYS B 36 29.61 -3.84 15.80
N THR B 37 28.50 -4.06 16.50
CA THR B 37 28.45 -3.77 17.92
C THR B 37 29.45 -4.65 18.66
N THR B 38 29.65 -4.30 19.90
CA THR B 38 30.46 -5.08 20.82
C THR B 38 29.59 -5.78 21.89
N ASP B 39 28.40 -5.24 22.20
CA ASP B 39 27.38 -5.96 22.99
C ASP B 39 26.53 -6.84 22.05
N LYS B 40 27.25 -7.64 21.25
CA LYS B 40 26.72 -8.31 20.06
C LYS B 40 26.38 -9.76 20.38
N SER B 41 25.17 -9.93 20.88
CA SER B 41 24.82 -11.19 21.50
C SER B 41 23.82 -12.08 20.75
N PRO B 42 23.56 -11.88 19.43
CA PRO B 42 22.28 -12.45 19.00
C PRO B 42 22.29 -14.00 18.94
N PHE B 43 21.33 -14.62 19.57
CA PHE B 43 21.21 -16.07 19.53
C PHE B 43 20.52 -16.44 18.22
N VAL B 44 21.16 -17.28 17.44
CA VAL B 44 20.64 -17.57 16.12
C VAL B 44 19.71 -18.82 16.17
N ILE B 45 18.51 -18.69 15.59
CA ILE B 45 17.54 -19.74 15.50
C ILE B 45 17.34 -20.10 14.04
N TYR B 46 17.79 -21.29 13.67
CA TYR B 46 17.75 -21.76 12.30
C TYR B 46 17.17 -23.18 12.16
N ASP B 47 16.72 -23.83 13.24
CA ASP B 47 16.12 -25.16 13.15
C ASP B 47 15.46 -25.42 14.45
N MET B 48 14.84 -26.59 14.55
CA MET B 48 14.14 -26.94 15.77
C MET B 48 15.05 -27.04 16.98
N ASN B 49 16.29 -27.46 16.78
CA ASN B 49 17.24 -27.70 17.90
C ASN B 49 17.60 -26.32 18.50
N SER B 50 18.06 -25.44 17.63
CA SER B 50 18.39 -24.06 18.11
C SER B 50 17.18 -23.30 18.68
N LEU B 51 16.00 -23.58 18.17
CA LEU B 51 14.80 -22.99 18.73
C LEU B 51 14.63 -23.40 20.16
N MET B 52 14.84 -24.69 20.42
CA MET B 52 14.73 -25.20 21.80
C MET B 52 15.77 -24.55 22.70
N MET B 53 17.02 -24.44 22.22
CA MET B 53 18.12 -23.85 22.99
C MET B 53 17.82 -22.36 23.30
N GLY B 54 17.27 -21.66 22.34
CA GLY B 54 17.11 -20.22 22.42
C GLY B 54 15.73 -19.72 22.79
N GLU B 55 14.76 -20.58 23.05
CA GLU B 55 13.39 -20.05 23.16
C GLU B 55 13.21 -19.18 24.39
N ASP B 56 13.80 -19.56 25.51
CA ASP B 56 13.67 -18.81 26.78
C ASP B 56 14.45 -17.49 26.75
N LYS B 57 15.49 -17.46 25.95
CA LYS B 57 16.16 -16.20 25.58
C LYS B 57 15.25 -15.22 24.79
N ILE B 58 13.94 -15.53 24.72
CA ILE B 58 12.98 -14.86 23.86
C ILE B 58 11.56 -15.12 24.41
N ILE B 63 9.82 -9.89 27.71
CA ILE B 63 8.73 -8.99 27.33
C ILE B 63 7.52 -9.15 28.32
N THR B 64 6.34 -9.59 27.87
CA THR B 64 5.27 -10.13 28.77
C THR B 64 5.53 -11.64 29.10
N PRO B 65 6.32 -11.97 30.18
CA PRO B 65 6.92 -13.32 30.18
C PRO B 65 6.22 -14.44 31.02
N LEU B 66 5.65 -15.42 30.32
CA LEU B 66 5.13 -16.68 30.93
C LEU B 66 5.14 -17.81 29.87
N GLN B 67 4.40 -18.92 30.07
CA GLN B 67 4.75 -20.26 29.54
C GLN B 67 3.59 -21.14 28.96
N GLU B 68 2.48 -20.55 28.49
CA GLU B 68 1.30 -21.40 28.15
C GLU B 68 1.73 -22.56 27.23
N GLN B 69 1.57 -23.77 27.75
CA GLN B 69 2.26 -24.93 27.19
C GLN B 69 1.51 -25.64 26.06
N SER B 70 2.24 -26.58 25.45
CA SER B 70 1.74 -27.64 24.55
C SER B 70 1.42 -27.27 23.11
N LYS B 71 1.44 -25.98 22.76
CA LYS B 71 1.16 -25.57 21.39
C LYS B 71 2.32 -26.05 20.52
N GLU B 72 2.05 -26.37 19.27
CA GLU B 72 3.11 -26.67 18.35
C GLU B 72 3.94 -25.43 18.03
N VAL B 73 5.08 -25.72 17.44
CA VAL B 73 6.09 -24.73 17.21
C VAL B 73 5.62 -23.59 16.30
N ALA B 74 4.93 -23.95 15.23
CA ALA B 74 4.55 -23.01 14.21
C ALA B 74 3.62 -21.96 14.79
N ILE B 75 2.71 -22.44 15.64
CA ILE B 75 1.78 -21.65 16.40
C ILE B 75 2.44 -20.82 17.45
N ARG B 76 3.41 -21.36 18.18
CA ARG B 76 4.10 -20.52 19.15
C ARG B 76 4.88 -19.37 18.47
N ILE B 77 5.45 -19.64 17.33
CA ILE B 77 6.13 -18.62 16.57
C ILE B 77 5.16 -17.59 16.01
N PHE B 78 4.13 -18.07 15.31
CA PHE B 78 3.11 -17.16 14.73
C PHE B 78 2.57 -16.24 15.80
N GLN B 79 2.31 -16.80 16.97
CA GLN B 79 1.86 -16.04 18.15
C GLN B 79 2.91 -15.16 18.85
N GLY B 80 4.16 -15.53 18.76
CA GLY B 80 5.23 -14.62 19.19
C GLY B 80 5.22 -13.34 18.34
N CYS B 81 4.99 -13.48 17.04
CA CYS B 81 4.92 -12.34 16.17
C CYS B 81 3.75 -11.44 16.62
N GLN B 82 2.67 -12.06 17.10
CA GLN B 82 1.51 -11.37 17.56
C GLN B 82 1.76 -10.58 18.78
N PHE B 83 2.48 -11.16 19.71
CA PHE B 83 2.81 -10.41 20.90
C PHE B 83 3.83 -9.29 20.57
N ARG B 84 4.72 -9.51 19.60
CA ARG B 84 5.63 -8.43 19.22
C ARG B 84 4.71 -7.28 18.70
N SER B 85 3.76 -7.59 17.84
CA SER B 85 2.85 -6.59 17.37
C SER B 85 2.13 -5.77 18.44
N VAL B 86 1.74 -6.43 19.50
CA VAL B 86 1.09 -5.79 20.62
C VAL B 86 1.95 -4.73 21.23
N GLU B 87 3.20 -5.06 21.48
CA GLU B 87 4.18 -4.11 21.83
C GLU B 87 4.39 -3.00 20.78
N ALA B 88 4.52 -3.35 19.53
CA ALA B 88 4.71 -2.35 18.46
C ALA B 88 3.55 -1.36 18.43
N VAL B 89 2.32 -1.83 18.60
CA VAL B 89 1.16 -0.95 18.53
C VAL B 89 1.28 0.15 19.60
N GLN B 90 1.73 -0.24 20.78
CA GLN B 90 1.93 0.71 21.88
C GLN B 90 3.01 1.79 21.65
N GLU B 91 4.10 1.37 21.03
CA GLU B 91 5.19 2.28 20.65
C GLU B 91 4.66 3.23 19.57
N ILE B 92 3.95 2.70 18.59
CA ILE B 92 3.46 3.46 17.45
C ILE B 92 2.39 4.45 17.90
N THR B 93 1.57 4.03 18.85
CA THR B 93 0.59 4.94 19.44
C THR B 93 1.22 6.15 20.09
N GLU B 94 2.20 5.91 20.93
CA GLU B 94 3.02 6.96 21.52
C GLU B 94 3.63 7.88 20.41
N TYR B 95 4.16 7.26 19.37
CA TYR B 95 4.82 8.05 18.34
C TYR B 95 3.75 8.94 17.65
N ALA B 96 2.63 8.33 17.32
CA ALA B 96 1.54 9.04 16.67
C ALA B 96 1.11 10.32 17.46
N LYS B 97 1.08 10.19 18.80
CA LYS B 97 0.66 11.22 19.64
C LYS B 97 1.70 12.36 19.72
N SER B 98 2.89 12.13 19.25
CA SER B 98 3.87 13.19 19.17
C SER B 98 3.81 13.96 17.88
N ILE B 99 3.00 13.52 16.87
CA ILE B 99 2.97 14.19 15.57
C ILE B 99 2.09 15.47 15.77
N PRO B 100 2.61 16.68 15.45
CA PRO B 100 1.83 17.88 15.80
C PRO B 100 0.51 17.83 15.08
N GLY B 101 -0.57 18.11 15.80
CA GLY B 101 -1.90 18.09 15.23
C GLY B 101 -2.67 16.79 15.47
N PHE B 102 -1.97 15.68 15.71
CA PHE B 102 -2.64 14.40 15.82
C PHE B 102 -3.60 14.29 17.01
N VAL B 103 -3.15 14.68 18.20
CA VAL B 103 -3.97 14.55 19.39
C VAL B 103 -5.21 15.53 19.34
N ASN B 104 -5.16 16.56 18.48
CA ASN B 104 -6.27 17.51 18.29
C ASN B 104 -7.31 16.97 17.31
N LEU B 105 -7.02 15.87 16.62
CA LEU B 105 -8.00 15.25 15.79
C LEU B 105 -9.13 14.63 16.63
N ASP B 106 -10.29 14.50 16.01
CA ASP B 106 -11.43 13.76 16.63
C ASP B 106 -10.87 12.41 17.08
N LEU B 107 -11.22 11.97 18.27
CA LEU B 107 -10.72 10.74 18.83
C LEU B 107 -11.17 9.52 18.00
N ASN B 108 -12.36 9.55 17.38
CA ASN B 108 -12.76 8.50 16.48
C ASN B 108 -11.76 8.35 15.34
N ASP B 109 -11.40 9.48 14.77
CA ASP B 109 -10.40 9.51 13.71
C ASP B 109 -9.01 9.06 14.14
N GLN B 110 -8.60 9.37 15.35
CA GLN B 110 -7.35 8.86 15.85
C GLN B 110 -7.35 7.32 15.86
N VAL B 111 -8.46 6.74 16.28
CA VAL B 111 -8.63 5.32 16.33
C VAL B 111 -8.54 4.69 14.96
N THR B 112 -9.31 5.22 14.05
CA THR B 112 -9.30 4.83 12.68
C THR B 112 -7.89 4.89 12.03
N LEU B 113 -7.17 5.97 12.26
CA LEU B 113 -5.84 6.10 11.69
C LEU B 113 -4.89 5.00 12.25
N LEU B 114 -4.96 4.74 13.56
CA LEU B 114 -4.17 3.68 14.13
C LEU B 114 -4.59 2.34 13.67
N LYS B 115 -5.89 2.09 13.72
CA LYS B 115 -6.47 0.81 13.23
C LYS B 115 -5.94 0.41 11.87
N TYR B 116 -6.00 1.34 10.92
CA TYR B 116 -5.60 1.00 9.54
C TYR B 116 -4.10 1.25 9.28
N GLY B 117 -3.39 1.94 10.17
CA GLY B 117 -1.99 2.28 9.95
C GLY B 117 -0.97 1.40 10.61
N VAL B 118 -1.32 0.79 11.75
CA VAL B 118 -0.32 0.09 12.52
C VAL B 118 0.40 -1.02 11.79
N HIS B 119 -0.31 -1.82 11.02
CA HIS B 119 0.34 -2.94 10.32
C HIS B 119 1.20 -2.47 9.20
N GLU B 120 0.84 -1.40 8.52
CA GLU B 120 1.69 -0.89 7.44
C GLU B 120 3.04 -0.41 8.06
N ILE B 121 2.95 0.20 9.24
CA ILE B 121 4.14 0.67 9.95
C ILE B 121 4.93 -0.53 10.48
N ILE B 122 4.22 -1.52 11.06
CA ILE B 122 4.88 -2.70 11.55
C ILE B 122 5.71 -3.37 10.48
N TYR B 123 5.16 -3.55 9.29
CA TYR B 123 5.91 -4.19 8.21
C TYR B 123 7.03 -3.30 7.65
N THR B 124 6.81 -1.99 7.66
CA THR B 124 7.88 -1.06 7.34
C THR B 124 9.09 -1.24 8.29
N MET B 125 8.83 -1.21 9.60
CA MET B 125 9.89 -1.26 10.61
C MET B 125 10.52 -2.66 10.71
N LEU B 126 9.71 -3.68 10.42
CA LEU B 126 10.22 -5.06 10.34
C LEU B 126 11.32 -5.12 9.26
N ALA B 127 11.18 -4.33 8.19
CA ALA B 127 12.23 -4.31 7.18
C ALA B 127 13.58 -3.87 7.74
N SER B 128 13.57 -2.91 8.63
CA SER B 128 14.78 -2.43 9.24
C SER B 128 15.57 -3.55 9.97
N LEU B 129 14.83 -4.57 10.46
CA LEU B 129 15.36 -5.66 11.19
C LEU B 129 15.70 -6.86 10.31
N MET B 130 15.49 -6.79 9.01
CA MET B 130 15.68 -7.91 8.14
C MET B 130 16.89 -7.77 7.24
N ASN B 131 17.51 -8.92 6.95
CA ASN B 131 18.41 -8.97 5.76
C ASN B 131 17.88 -10.10 4.95
N LYS B 132 18.49 -10.41 3.82
CA LYS B 132 17.98 -11.54 2.97
C LYS B 132 18.01 -12.93 3.64
N ASP B 133 18.72 -13.11 4.76
CA ASP B 133 18.78 -14.38 5.48
C ASP B 133 17.91 -14.56 6.70
N GLY B 134 17.38 -13.46 7.27
CA GLY B 134 16.59 -13.58 8.47
C GLY B 134 16.28 -12.25 9.14
N VAL B 135 15.68 -12.37 10.31
CA VAL B 135 15.14 -11.23 11.01
C VAL B 135 15.54 -11.24 12.43
N LEU B 136 15.88 -10.06 12.92
CA LEU B 136 16.09 -9.85 14.34
C LEU B 136 14.82 -9.90 15.16
N ILE B 137 14.98 -10.47 16.34
CA ILE B 137 13.87 -10.68 17.26
C ILE B 137 14.30 -10.27 18.63
N SER B 138 13.32 -10.05 19.48
CA SER B 138 13.44 -9.61 20.87
C SER B 138 14.49 -8.49 21.08
N GLU B 139 14.32 -7.42 20.31
CA GLU B 139 15.21 -6.29 20.31
C GLU B 139 16.67 -6.62 20.04
N GLY B 140 16.92 -7.49 19.12
CA GLY B 140 18.31 -7.81 18.76
C GLY B 140 18.89 -8.97 19.55
N GLN B 141 18.16 -9.56 20.50
CA GLN B 141 18.70 -10.67 21.26
C GLN B 141 18.68 -11.97 20.51
N GLY B 142 17.84 -12.07 19.50
CA GLY B 142 17.92 -13.19 18.60
C GLY B 142 17.78 -12.84 17.17
N PHE B 143 18.02 -13.87 16.38
CA PHE B 143 17.98 -13.77 14.96
C PHE B 143 17.39 -15.06 14.43
N MET B 144 16.31 -14.97 13.65
CA MET B 144 15.59 -16.16 13.21
C MET B 144 15.69 -16.22 11.70
N THR B 145 16.12 -17.37 11.15
CA THR B 145 16.44 -17.39 9.73
C THR B 145 15.19 -17.47 8.90
N ARG B 146 15.30 -16.94 7.68
CA ARG B 146 14.21 -16.95 6.70
C ARG B 146 13.87 -18.39 6.29
N GLU B 147 14.91 -19.19 6.09
CA GLU B 147 14.71 -20.64 5.81
C GLU B 147 14.00 -21.34 6.95
N PHE B 148 14.37 -21.04 8.20
CA PHE B 148 13.60 -21.65 9.29
C PHE B 148 12.12 -21.31 9.25
N LEU B 149 11.81 -20.02 9.13
CA LEU B 149 10.42 -19.57 9.06
C LEU B 149 9.68 -20.28 7.90
N LYS B 150 10.34 -20.43 6.78
CA LYS B 150 9.74 -21.00 5.56
C LYS B 150 9.48 -22.51 5.69
N SER B 151 10.22 -23.16 6.60
CA SER B 151 10.09 -24.59 6.84
C SER B 151 8.89 -24.98 7.72
N LEU B 152 8.04 -24.04 8.11
CA LEU B 152 7.00 -24.36 9.06
C LEU B 152 5.83 -24.93 8.28
N ARG B 153 5.02 -25.69 8.98
CA ARG B 153 3.92 -26.34 8.34
C ARG B 153 2.84 -25.37 7.84
N LYS B 154 2.20 -25.79 6.77
CA LYS B 154 1.13 -25.03 6.15
C LYS B 154 0.04 -24.67 7.15
N PRO B 155 -0.46 -23.43 7.09
CA PRO B 155 -0.02 -22.29 6.23
C PRO B 155 0.98 -21.33 6.86
N PHE B 156 1.68 -21.73 7.91
CA PHE B 156 2.59 -20.86 8.60
C PHE B 156 3.96 -20.66 7.95
N GLY B 157 4.34 -21.49 7.00
CA GLY B 157 5.65 -21.38 6.31
C GLY B 157 5.75 -20.35 5.20
N ASP B 158 4.67 -19.69 4.88
CA ASP B 158 4.74 -18.67 3.85
C ASP B 158 4.28 -17.29 4.39
N PHE B 159 3.87 -17.16 5.65
CA PHE B 159 3.37 -15.85 6.14
C PHE B 159 4.46 -14.77 6.13
N MET B 160 5.73 -15.17 6.28
CA MET B 160 6.86 -14.19 6.31
C MET B 160 7.45 -13.87 5.00
N GLU B 161 7.26 -14.77 4.03
CA GLU B 161 7.93 -14.63 2.76
C GLU B 161 7.58 -13.28 2.03
N PRO B 162 6.29 -12.87 1.97
CA PRO B 162 5.98 -11.56 1.36
C PRO B 162 6.68 -10.37 2.11
N LYS B 163 6.94 -10.56 3.39
CA LYS B 163 7.56 -9.51 4.23
C LYS B 163 9.04 -9.42 3.97
N PHE B 164 9.72 -10.57 3.86
CA PHE B 164 11.13 -10.57 3.39
C PHE B 164 11.28 -10.01 1.96
N GLU B 165 10.33 -10.34 1.09
CA GLU B 165 10.45 -9.87 -0.31
C GLU B 165 10.25 -8.36 -0.40
N PHE B 166 9.27 -7.83 0.34
CA PHE B 166 9.13 -6.37 0.51
C PHE B 166 10.42 -5.74 1.07
N ALA B 167 11.00 -6.34 2.14
CA ALA B 167 12.15 -5.79 2.84
C ALA B 167 13.35 -5.71 1.97
N VAL B 168 13.53 -6.74 1.17
CA VAL B 168 14.65 -6.70 0.23
C VAL B 168 14.60 -5.49 -0.69
N LYS B 169 13.42 -5.22 -1.25
CA LYS B 169 13.30 -4.07 -2.14
C LYS B 169 13.25 -2.73 -1.39
N PHE B 170 12.64 -2.74 -0.20
CA PHE B 170 12.55 -1.52 0.59
C PHE B 170 13.93 -1.11 1.04
N ASN B 171 14.73 -2.06 1.52
CA ASN B 171 16.04 -1.79 2.09
C ASN B 171 17.03 -1.27 1.03
N ALA B 172 16.72 -1.57 -0.22
CA ALA B 172 17.50 -1.05 -1.33
C ALA B 172 17.36 0.45 -1.46
N LEU B 173 16.32 1.06 -0.84
CA LEU B 173 16.23 2.51 -0.83
C LEU B 173 17.21 3.16 0.10
N GLU B 174 17.73 2.38 1.04
CA GLU B 174 18.76 2.85 1.94
C GLU B 174 18.34 4.02 2.82
N LEU B 175 17.11 3.93 3.30
CA LEU B 175 16.63 4.97 4.16
C LEU B 175 17.30 4.87 5.52
N ASP B 176 17.49 6.00 6.18
CA ASP B 176 17.94 5.95 7.57
C ASP B 176 16.76 6.23 8.57
N ASP B 177 17.02 6.21 9.87
CA ASP B 177 16.02 6.45 10.86
C ASP B 177 15.35 7.85 10.74
N SER B 178 16.10 8.88 10.36
CA SER B 178 15.52 10.20 10.13
C SER B 178 14.53 10.26 9.01
N ASP B 179 14.84 9.51 7.99
CA ASP B 179 13.92 9.39 6.86
C ASP B 179 12.63 8.64 7.28
N LEU B 180 12.86 7.50 7.91
CA LEU B 180 11.77 6.60 8.38
C LEU B 180 10.79 7.31 9.30
N ALA B 181 11.32 8.13 10.21
CA ALA B 181 10.48 8.88 11.13
C ALA B 181 9.41 9.66 10.42
N ILE B 182 9.77 10.30 9.31
CA ILE B 182 8.81 11.17 8.62
C ILE B 182 7.88 10.30 7.81
N PHE B 183 8.42 9.23 7.20
CA PHE B 183 7.62 8.34 6.38
C PHE B 183 6.51 7.62 7.19
N ILE B 184 6.87 7.12 8.36
CA ILE B 184 5.91 6.58 9.26
C ILE B 184 4.79 7.57 9.63
N ALA B 185 5.17 8.82 9.90
CA ALA B 185 4.21 9.91 10.18
C ALA B 185 3.26 10.08 9.00
N VAL B 186 3.78 10.06 7.77
CA VAL B 186 2.99 10.13 6.57
C VAL B 186 1.96 9.00 6.48
N ILE B 187 2.35 7.77 6.84
CA ILE B 187 1.45 6.64 6.77
C ILE B 187 0.32 6.79 7.80
N ILE B 188 0.62 7.26 9.00
CA ILE B 188 -0.40 7.38 10.02
C ILE B 188 -1.45 8.39 9.57
N LEU B 189 -1.03 9.52 9.01
CA LEU B 189 -1.93 10.60 8.59
C LEU B 189 -2.51 10.35 7.23
N SER B 190 -3.07 9.17 7.03
CA SER B 190 -3.59 8.76 5.70
C SER B 190 -5.07 9.11 5.60
N GLY B 191 -5.41 10.00 4.67
CA GLY B 191 -6.77 10.47 4.60
C GLY B 191 -7.73 9.55 3.86
N ASP B 192 -7.28 8.39 3.43
CA ASP B 192 -8.09 7.45 2.67
C ASP B 192 -8.58 6.30 3.51
N ARG B 193 -8.40 6.38 4.83
CA ARG B 193 -8.81 5.25 5.66
C ARG B 193 -10.33 5.23 5.73
N PRO B 194 -10.94 4.04 5.71
CA PRO B 194 -12.39 3.98 5.81
C PRO B 194 -12.94 4.49 7.13
N GLY B 195 -13.99 5.28 7.01
CA GLY B 195 -14.80 5.71 8.13
C GLY B 195 -14.29 6.95 8.79
N LEU B 196 -13.31 7.65 8.15
CA LEU B 196 -12.85 8.87 8.75
C LEU B 196 -14.05 9.82 8.65
N LEU B 197 -14.24 10.58 9.70
CA LEU B 197 -15.26 11.63 9.80
C LEU B 197 -14.81 12.96 9.30
N ASN B 198 -13.57 13.38 9.58
CA ASN B 198 -13.03 14.69 9.17
CA ASN B 198 -13.08 14.66 9.02
C ASN B 198 -11.70 14.56 8.34
N VAL B 199 -11.81 14.37 7.03
CA VAL B 199 -10.68 14.13 6.19
C VAL B 199 -9.75 15.30 6.05
N LYS B 200 -10.32 16.51 5.89
CA LYS B 200 -9.53 17.69 5.61
C LYS B 200 -8.38 17.99 6.61
N PRO B 201 -8.61 17.99 7.92
CA PRO B 201 -7.49 18.29 8.86
C PRO B 201 -6.38 17.24 8.82
N ILE B 202 -6.74 16.00 8.55
CA ILE B 202 -5.79 14.90 8.36
C ILE B 202 -4.93 15.13 7.14
N GLU B 203 -5.57 15.42 6.01
CA GLU B 203 -4.83 15.71 4.78
C GLU B 203 -3.99 16.97 4.87
N ASP B 204 -4.46 17.98 5.64
CA ASP B 204 -3.65 19.16 5.84
C ASP B 204 -2.35 18.80 6.60
N ILE B 205 -2.46 18.02 7.66
CA ILE B 205 -1.29 17.60 8.40
C ILE B 205 -0.41 16.75 7.48
N GLN B 206 -1.00 15.82 6.73
CA GLN B 206 -0.24 14.96 5.90
C GLN B 206 0.52 15.71 4.83
N ASP B 207 -0.09 16.74 4.24
CA ASP B 207 0.60 17.56 3.25
C ASP B 207 1.84 18.23 3.79
N ASN B 208 1.75 18.75 4.99
CA ASN B 208 2.90 19.33 5.63
C ASN B 208 4.02 18.26 5.87
N LEU B 209 3.64 17.08 6.37
CA LEU B 209 4.59 15.96 6.55
C LEU B 209 5.20 15.55 5.25
N LEU B 210 4.42 15.53 4.17
CA LEU B 210 4.93 15.13 2.89
C LEU B 210 5.91 16.13 2.38
N GLN B 211 5.62 17.42 2.52
CA GLN B 211 6.67 18.43 2.25
C GLN B 211 7.95 18.24 3.09
N ALA B 212 7.79 17.94 4.36
CA ALA B 212 8.92 17.63 5.19
C ALA B 212 9.68 16.38 4.68
N LEU B 213 9.00 15.35 4.26
CA LEU B 213 9.68 14.18 3.76
C LEU B 213 10.47 14.45 2.47
N GLU B 214 9.87 15.20 1.54
CA GLU B 214 10.54 15.48 0.29
C GLU B 214 11.81 16.22 0.55
N LEU B 215 11.78 17.20 1.44
CA LEU B 215 12.95 18.01 1.74
C LEU B 215 14.04 17.14 2.44
N GLN B 216 13.63 16.35 3.44
CA GLN B 216 14.50 15.37 4.05
C GLN B 216 15.27 14.49 3.05
N LEU B 217 14.54 13.93 2.10
CA LEU B 217 15.11 13.02 1.13
C LEU B 217 16.07 13.71 0.16
N LYS B 218 15.71 14.93 -0.22
CA LYS B 218 16.52 15.69 -1.12
C LYS B 218 17.85 16.02 -0.48
N LEU B 219 17.83 16.41 0.80
CA LEU B 219 19.01 16.76 1.55
C LEU B 219 19.81 15.57 1.96
N ASN B 220 19.14 14.51 2.42
CA ASN B 220 19.81 13.33 2.92
C ASN B 220 20.27 12.35 1.83
N HIS B 221 19.65 12.38 0.67
CA HIS B 221 19.98 11.46 -0.42
C HIS B 221 20.15 12.29 -1.68
N PRO B 222 21.10 13.20 -1.65
CA PRO B 222 21.11 14.12 -2.78
C PRO B 222 21.39 13.50 -4.15
N GLU B 223 21.95 12.30 -4.20
CA GLU B 223 22.17 11.60 -5.48
C GLU B 223 21.11 10.52 -5.78
N SER B 224 19.96 10.46 -5.07
CA SER B 224 18.98 9.37 -5.30
C SER B 224 17.74 9.96 -5.97
N SER B 225 17.65 9.82 -7.29
CA SER B 225 16.63 10.55 -8.04
C SER B 225 15.26 9.85 -7.92
N GLN B 226 14.25 10.70 -7.78
CA GLN B 226 12.86 10.32 -7.53
C GLN B 226 12.75 9.39 -6.34
N LEU B 227 13.63 9.59 -5.35
CA LEU B 227 13.49 8.78 -4.12
C LEU B 227 12.14 9.00 -3.45
N PHE B 228 11.67 10.23 -3.44
CA PHE B 228 10.42 10.55 -2.80
C PHE B 228 9.24 9.75 -3.41
N ALA B 229 9.13 9.76 -4.72
CA ALA B 229 8.08 9.05 -5.42
C ALA B 229 8.23 7.56 -5.22
N LYS B 230 9.46 7.05 -5.27
CA LYS B 230 9.62 5.60 -5.11
C LYS B 230 9.21 5.18 -3.69
N LEU B 231 9.51 6.01 -2.71
CA LEU B 231 9.09 5.72 -1.34
C LEU B 231 7.56 5.75 -1.23
N LEU B 232 6.92 6.80 -1.76
CA LEU B 232 5.49 6.87 -1.66
C LEU B 232 4.81 5.68 -2.39
N GLN B 233 5.43 5.19 -3.46
CA GLN B 233 4.91 3.99 -4.19
C GLN B 233 4.94 2.78 -3.29
N LYS B 234 5.90 2.71 -2.34
CA LYS B 234 5.92 1.59 -1.37
C LYS B 234 4.67 1.53 -0.49
N MET B 235 3.93 2.64 -0.34
CA MET B 235 2.65 2.58 0.43
C MET B 235 1.62 1.64 -0.25
N THR B 236 1.71 1.51 -1.59
CA THR B 236 0.88 0.58 -2.36
C THR B 236 1.25 -0.87 -2.04
N ASP B 237 2.53 -1.19 -2.06
CA ASP B 237 2.91 -2.55 -1.68
C ASP B 237 2.52 -2.86 -0.21
N LEU B 238 2.70 -1.89 0.67
CA LEU B 238 2.40 -2.09 2.08
C LEU B 238 0.96 -2.38 2.24
N ARG B 239 0.10 -1.64 1.53
CA ARG B 239 -1.35 -1.89 1.60
C ARG B 239 -1.70 -3.33 1.16
N GLN B 240 -1.04 -3.82 0.12
CA GLN B 240 -1.28 -5.18 -0.33
C GLN B 240 -0.77 -6.22 0.70
N ILE B 241 0.44 -6.00 1.24
CA ILE B 241 0.99 -6.89 2.31
C ILE B 241 -0.05 -7.06 3.41
N VAL B 242 -0.60 -5.93 3.86
CA VAL B 242 -1.55 -6.01 4.97
C VAL B 242 -2.85 -6.75 4.61
N THR B 243 -3.37 -6.50 3.41
CA THR B 243 -4.68 -7.02 3.05
C THR B 243 -4.48 -8.51 2.79
N GLU B 244 -3.36 -8.92 2.22
CA GLU B 244 -3.07 -10.35 2.09
C GLU B 244 -2.86 -11.07 3.42
N HIS B 245 -2.28 -10.40 4.42
CA HIS B 245 -2.14 -11.04 5.71
C HIS B 245 -3.49 -11.21 6.39
N VAL B 246 -4.35 -10.21 6.28
CA VAL B 246 -5.68 -10.26 6.83
C VAL B 246 -6.44 -11.47 6.31
N GLN B 247 -6.28 -11.74 5.03
CA GLN B 247 -6.94 -12.87 4.35
C GLN B 247 -6.43 -14.23 4.84
N LEU B 248 -5.11 -14.36 4.92
CA LEU B 248 -4.50 -15.50 5.55
C LEU B 248 -5.03 -15.75 6.93
N LEU B 249 -5.17 -14.69 7.73
CA LEU B 249 -5.75 -14.88 9.06
C LEU B 249 -7.16 -15.45 9.00
N GLN B 250 -7.93 -15.02 8.00
CA GLN B 250 -9.30 -15.46 7.86
C GLN B 250 -9.43 -16.93 7.55
N VAL B 251 -8.52 -17.46 6.74
CA VAL B 251 -8.40 -18.89 6.55
C VAL B 251 -8.16 -19.48 7.95
N ILE B 252 -7.01 -19.13 8.51
CA ILE B 252 -6.53 -19.68 9.76
C ILE B 252 -7.61 -19.77 10.82
N LYS B 253 -8.37 -18.70 11.04
CA LYS B 253 -9.45 -18.71 12.06
C LYS B 253 -10.55 -19.74 11.71
N LYS B 254 -10.83 -19.90 10.44
CA LYS B 254 -11.78 -20.92 9.99
C LYS B 254 -11.22 -22.34 9.94
N THR B 255 -9.95 -22.56 10.30
CA THR B 255 -9.31 -23.89 10.12
C THR B 255 -8.15 -24.34 11.05
N GLU B 256 -7.97 -23.71 12.22
CA GLU B 256 -6.83 -24.03 13.11
C GLU B 256 -7.19 -24.18 14.60
N THR B 257 -8.19 -25.00 14.87
CA THR B 257 -8.55 -25.32 16.25
C THR B 257 -8.88 -23.98 16.90
N ASP B 258 -8.16 -23.54 17.93
CA ASP B 258 -8.50 -22.25 18.54
C ASP B 258 -7.25 -21.53 19.04
N MET B 259 -6.53 -20.98 18.08
CA MET B 259 -5.55 -19.98 18.37
C MET B 259 -6.39 -18.73 18.57
N SER B 260 -6.31 -18.13 19.75
CA SER B 260 -7.08 -16.89 19.93
C SER B 260 -6.09 -15.73 19.70
N LEU B 261 -6.62 -14.65 19.22
CA LEU B 261 -5.83 -13.47 19.01
C LEU B 261 -5.74 -12.70 20.30
N HIS B 262 -4.59 -12.08 20.56
CA HIS B 262 -4.48 -11.12 21.64
C HIS B 262 -5.61 -10.11 21.51
N PRO B 263 -6.22 -9.73 22.62
CA PRO B 263 -7.32 -8.75 22.46
C PRO B 263 -7.01 -7.45 21.74
N LEU B 264 -5.85 -6.84 21.95
CA LEU B 264 -5.50 -5.65 21.09
C LEU B 264 -5.55 -5.93 19.61
N LEU B 265 -5.02 -7.06 19.18
CA LEU B 265 -5.08 -7.43 17.78
C LEU B 265 -6.51 -7.83 17.38
N GLN B 266 -7.29 -8.44 18.27
CA GLN B 266 -8.70 -8.74 17.98
C GLN B 266 -9.37 -7.41 17.59
N GLU B 267 -9.12 -6.39 18.40
CA GLU B 267 -9.81 -5.10 18.06
C GLU B 267 -9.34 -4.41 16.80
N ILE B 268 -8.04 -4.45 16.55
CA ILE B 268 -7.51 -3.96 15.32
C ILE B 268 -8.10 -4.64 14.11
N TYR B 269 -8.02 -5.96 14.05
CA TYR B 269 -8.44 -6.72 12.92
C TYR B 269 -10.00 -6.81 12.72
N LYS B 270 -10.78 -6.60 13.78
CA LYS B 270 -12.24 -6.70 13.67
C LYS B 270 -12.72 -5.61 12.71
N ASP B 271 -13.31 -6.03 11.61
CA ASP B 271 -13.90 -5.15 10.54
C ASP B 271 -12.84 -4.45 9.72
N LEU B 272 -11.67 -5.09 9.57
CA LEU B 272 -10.56 -4.56 8.83
C LEU B 272 -10.50 -5.28 7.48
N TYR B 273 -10.87 -4.57 6.42
CA TYR B 273 -10.83 -5.12 5.06
C TYR B 273 -11.63 -6.41 4.89
N SER C 8 -20.84 1.59 18.26
CA SER C 8 -19.93 2.64 17.63
C SER C 8 -18.43 2.21 17.58
N LEU C 9 -17.59 3.13 17.11
CA LEU C 9 -16.22 2.84 16.76
C LEU C 9 -15.31 2.72 17.97
N THR C 10 -15.22 3.76 18.78
CA THR C 10 -14.37 3.76 19.98
C THR C 10 -14.78 2.64 20.95
N GLU C 11 -16.08 2.31 20.97
CA GLU C 11 -16.59 1.23 21.80
C GLU C 11 -16.11 -0.10 21.28
N ARG C 12 -16.00 -0.24 19.96
CA ARG C 12 -15.39 -1.45 19.39
C ARG C 12 -13.86 -1.45 19.47
N HIS C 13 -13.24 -0.41 20.05
CA HIS C 13 -11.76 -0.27 20.19
C HIS C 13 -11.39 0.28 21.55
N LYS C 14 -11.82 -0.38 22.61
CA LYS C 14 -11.54 0.06 23.98
C LYS C 14 -10.08 0.27 24.35
N ILE C 15 -9.26 -0.65 23.96
CA ILE C 15 -7.87 -0.56 24.33
C ILE C 15 -7.16 0.59 23.58
N LEU C 16 -7.38 0.69 22.28
CA LEU C 16 -6.74 1.77 21.49
C LEU C 16 -7.22 3.09 21.99
N HIS C 17 -8.52 3.17 22.31
CA HIS C 17 -9.05 4.37 22.86
C HIS C 17 -8.32 4.76 24.14
N ARG C 18 -8.10 3.80 25.06
CA ARG C 18 -7.36 4.12 26.30
C ARG C 18 -5.91 4.51 26.05
N LEU C 19 -5.22 3.79 25.19
CA LEU C 19 -3.84 4.13 24.80
C LEU C 19 -3.76 5.56 24.26
N LEU C 20 -4.67 5.92 23.37
CA LEU C 20 -4.72 7.26 22.78
C LEU C 20 -4.96 8.38 23.79
N GLN C 21 -5.80 8.14 24.81
CA GLN C 21 -6.13 9.16 25.81
C GLN C 21 -5.27 9.19 27.04
N GLU C 22 -4.87 8.02 27.50
CA GLU C 22 -4.13 7.87 28.75
C GLU C 22 -2.69 7.45 28.60
N GLY C 23 -2.33 6.74 27.54
CA GLY C 23 -0.97 6.14 27.40
C GLY C 23 -1.00 4.67 27.80
N SER C 24 0.16 4.03 27.76
CA SER C 24 0.31 2.62 28.12
C SER C 24 0.54 2.53 29.62
N PRO C 25 -0.33 1.75 30.34
CA PRO C 25 0.05 1.45 31.75
C PRO C 25 1.39 0.73 31.84
N SER C 26 2.08 0.86 32.98
CA SER C 26 3.26 0.06 33.22
C SER C 26 2.80 -1.41 33.39
N LYS D 14 -2.79 -14.71 -26.21
CA LYS D 14 -3.70 -15.09 -27.35
C LYS D 14 -4.18 -13.82 -28.13
N ILE D 15 -5.39 -13.31 -27.88
CA ILE D 15 -5.83 -12.00 -28.41
C ILE D 15 -4.80 -10.89 -28.16
N LEU D 16 -4.36 -10.82 -26.90
CA LEU D 16 -3.47 -9.79 -26.43
C LEU D 16 -2.22 -9.73 -27.32
N HIS D 17 -1.60 -10.90 -27.49
CA HIS D 17 -0.43 -11.06 -28.35
C HIS D 17 -0.67 -10.50 -29.76
N ARG D 18 -1.73 -10.96 -30.40
CA ARG D 18 -2.11 -10.53 -31.74
C ARG D 18 -2.26 -9.01 -31.76
N LEU D 19 -3.16 -8.50 -30.90
CA LEU D 19 -3.45 -7.07 -30.78
C LEU D 19 -2.23 -6.16 -30.63
N LEU D 20 -1.20 -6.65 -29.94
CA LEU D 20 0.06 -5.90 -29.77
C LEU D 20 0.83 -5.71 -31.08
N GLN D 21 0.96 -6.81 -31.84
CA GLN D 21 1.85 -6.91 -33.03
C GLN D 21 1.29 -6.15 -34.22
N GLU D 22 -0.05 -6.04 -34.26
CA GLU D 22 -0.75 -5.26 -35.27
C GLU D 22 -0.15 -3.88 -35.54
C1 9CR E . -16.07 -5.51 -10.04
C2 9CR E . -17.04 -5.76 -8.90
C3 9CR E . -18.33 -5.18 -9.27
C4 9CR E . -18.12 -3.74 -9.38
C5 9CR E . -17.30 -3.51 -10.48
C6 9CR E . -16.18 -4.31 -10.76
C7 9CR E . -15.38 -4.07 -11.92
C8 9CR E . -14.20 -4.90 -12.34
C9 9CR E . -13.25 -4.61 -13.48
C10 9CR E . -13.32 -3.62 -14.61
C11 9CR E . -14.35 -2.56 -14.91
C12 9CR E . -13.99 -1.74 -16.14
C13 9CR E . -14.84 -0.59 -16.66
C14 9CR E . -14.35 0.12 -17.90
C15 9CR E . -15.06 1.37 -18.41
C16 9CR E . -14.74 -5.62 -9.45
C17 9CR E . -16.37 -6.71 -11.04
C18 9CR E . -17.68 -2.39 -11.23
C19 9CR E . -12.10 -5.60 -13.65
C20 9CR E . -16.08 -0.13 -15.86
O1 9CR E . -16.10 1.80 -17.92
O2 9CR E . -14.57 2.02 -19.32
S1 BRL F . 1.57 -11.63 13.14
O2 BRL F . -0.92 -12.38 12.53
O4 BRL F . 0.07 -8.26 13.73
O13 BRL F . 8.07 -10.78 13.07
N3 BRL F . -0.57 -10.25 13.16
N16 BRL F . 9.79 -12.62 14.53
N18 BRL F . 9.22 -14.56 15.70
C2 BRL F . -0.17 -11.49 12.94
C4 BRL F . 0.42 -9.40 13.46
C5 BRL F . 1.81 -9.86 13.51
C6 BRL F . 2.70 -9.06 12.47
C7 BRL F . 4.07 -9.46 12.60
C8 BRL F . 4.87 -8.95 13.63
C9 BRL F . 6.18 -9.36 13.83
C10 BRL F . 6.78 -10.32 12.96
C11 BRL F . 6.01 -10.74 11.88
C12 BRL F . 4.67 -10.34 11.73
C14 BRL F . 8.77 -10.44 14.26
C15 BRL F . 10.10 -11.13 14.36
C16 BRL F . 9.81 -13.43 13.33
C17 BRL F . 9.48 -13.21 15.66
C19 BRL F . 8.87 -15.11 16.96
C20 BRL F . 8.81 -14.35 18.12
C21 BRL F . 9.09 -12.99 18.06
C22 BRL F . 9.46 -12.52 16.85
#